data_4PHK
#
_entry.id   4PHK
#
_cell.length_a   49.540
_cell.length_b   80.090
_cell.length_c   56.890
_cell.angle_alpha   90.00
_cell.angle_beta   91.33
_cell.angle_gamma   90.00
#
_symmetry.space_group_name_H-M   'P 1 21 1'
#
loop_
_entity.id
_entity.type
_entity.pdbx_description
1 polymer 'Calpain small subunit 1'
2 non-polymer '(Z)-3-(4-chlorophenyl)-2-mercaptoacrylic acid'
3 non-polymer 'CALCIUM ION'
4 water water
#
_entity_poly.entity_id   1
_entity_poly.type   'polypeptide(L)'
_entity_poly.pdbx_seq_one_letter_code
;EEVRQFRRLFAQLAGDDMEVSATELMNILNKVVTRHPDLKTDGFGIDTCRSMVAVMDSDTTGKLGFEEFKYLWNNIKRWQ
AIYKQFDTDRSGTICSSELPGAFEAAGFHLNEHLYNMIIRRYSDESGNMDFDNFISCLVRLDAMFRAFKSLDKDGTGQIQ
VNIQEWLQLTMYS
;
_entity_poly.pdbx_strand_id   A,B
#
# COMPACT_ATOMS: atom_id res chain seq x y z
N GLU A 1 2.54 5.39 36.46
CA GLU A 1 1.19 5.12 35.91
C GLU A 1 1.17 5.29 34.37
N GLU A 2 2.33 5.18 33.73
CA GLU A 2 2.39 5.18 32.27
C GLU A 2 1.78 3.89 31.70
N VAL A 3 1.91 2.81 32.49
CA VAL A 3 1.48 1.44 32.11
C VAL A 3 -0.01 1.33 32.27
N ARG A 4 -0.49 1.62 33.46
CA ARG A 4 -1.91 1.68 33.75
C ARG A 4 -2.64 2.45 32.65
N GLN A 5 -2.16 3.66 32.37
CA GLN A 5 -2.85 4.56 31.46
C GLN A 5 -2.83 4.07 30.03
N PHE A 6 -1.71 3.47 29.62
CA PHE A 6 -1.63 2.97 28.30
C PHE A 6 -2.50 1.72 28.10
N ARG A 7 -2.60 0.90 29.12
CA ARG A 7 -3.54 -0.18 29.07
C ARG A 7 -4.97 0.31 29.07
N ARG A 8 -5.28 1.39 29.80
CA ARG A 8 -6.62 1.98 29.75
C ARG A 8 -6.98 2.58 28.37
N LEU A 9 -6.05 3.29 27.73
CA LEU A 9 -6.26 3.81 26.36
C LEU A 9 -6.58 2.66 25.44
N PHE A 10 -5.67 1.69 25.41
CA PHE A 10 -5.86 0.52 24.61
C PHE A 10 -7.25 -0.09 24.78
N ALA A 11 -7.61 -0.44 25.99
CA ALA A 11 -8.91 -1.02 26.27
C ALA A 11 -10.04 -0.19 25.70
N GLN A 12 -10.03 1.11 25.94
CA GLN A 12 -11.14 1.95 25.48
C GLN A 12 -11.24 2.07 23.99
N LEU A 13 -10.09 2.05 23.35
CA LEU A 13 -10.01 2.15 21.90
C LEU A 13 -10.33 0.83 21.19
N ALA A 14 -9.89 -0.28 21.77
CA ALA A 14 -10.03 -1.59 21.15
C ALA A 14 -11.45 -2.13 21.20
N GLY A 15 -12.24 -1.64 22.16
CA GLY A 15 -13.63 -2.04 22.28
C GLY A 15 -13.83 -3.52 22.54
N ASP A 16 -15.04 -3.99 22.25
CA ASP A 16 -15.46 -5.29 22.78
C ASP A 16 -14.71 -6.52 22.28
N ASP A 17 -14.03 -6.44 21.13
CA ASP A 17 -13.22 -7.58 20.71
C ASP A 17 -11.79 -7.44 21.20
N MET A 18 -11.49 -6.40 21.97
CA MET A 18 -10.13 -6.24 22.51
C MET A 18 -8.98 -6.24 21.46
N GLU A 19 -9.29 -5.84 20.23
CA GLU A 19 -8.23 -5.62 19.21
C GLU A 19 -8.54 -4.37 18.46
N VAL A 20 -7.49 -3.73 17.98
CA VAL A 20 -7.62 -2.51 17.17
C VAL A 20 -7.70 -2.80 15.67
N SER A 21 -8.87 -2.57 15.08
CA SER A 21 -9.09 -2.58 13.64
C SER A 21 -8.52 -1.38 12.96
N ALA A 22 -8.51 -1.48 11.62
CA ALA A 22 -8.00 -0.41 10.81
C ALA A 22 -8.77 0.86 11.06
N THR A 23 -10.08 0.74 11.23
CA THR A 23 -10.98 1.84 11.42
C THR A 23 -10.77 2.50 12.76
N GLU A 24 -10.65 1.70 13.82
CA GLU A 24 -10.35 2.23 15.12
C GLU A 24 -9.00 2.91 15.08
N LEU A 25 -8.01 2.29 14.44
CA LEU A 25 -6.69 2.92 14.29
C LEU A 25 -6.78 4.26 13.57
N MET A 26 -7.56 4.30 12.51
CA MET A 26 -7.74 5.51 11.72
C MET A 26 -8.21 6.66 12.57
N ASN A 27 -9.26 6.38 13.34
CA ASN A 27 -9.96 7.41 14.11
C ASN A 27 -9.12 7.98 15.21
N ILE A 28 -8.37 7.13 15.93
CA ILE A 28 -7.49 7.64 16.96
C ILE A 28 -6.29 8.44 16.38
N LEU A 29 -5.75 7.97 15.29
CA LEU A 29 -4.69 8.71 14.56
C LEU A 29 -5.13 10.11 14.09
N ASN A 30 -6.33 10.24 13.55
CA ASN A 30 -6.85 11.57 13.16
C ASN A 30 -7.22 12.41 14.38
N LYS A 31 -7.86 11.78 15.37
CA LYS A 31 -8.12 12.45 16.62
C LYS A 31 -6.80 13.02 17.17
N VAL A 32 -5.77 12.20 17.27
CA VAL A 32 -4.51 12.66 17.83
C VAL A 32 -3.83 13.84 17.09
N VAL A 33 -3.66 13.68 15.78
CA VAL A 33 -2.91 14.70 15.01
C VAL A 33 -3.54 16.09 15.02
N THR A 34 -4.85 16.18 15.08
CA THR A 34 -5.53 17.46 15.31
C THR A 34 -4.89 18.27 16.44
N ARG A 35 -4.52 17.60 17.52
CA ARG A 35 -3.92 18.29 18.67
C ARG A 35 -2.44 18.51 18.47
N HIS A 36 -1.98 18.35 17.22
CA HIS A 36 -0.59 18.64 16.83
C HIS A 36 -0.54 19.38 15.47
N PRO A 37 -0.89 20.68 15.46
CA PRO A 37 -0.79 21.55 14.30
C PRO A 37 0.56 21.46 13.54
N ASP A 38 1.65 21.33 14.28
CA ASP A 38 2.97 21.16 13.65
C ASP A 38 3.13 19.88 12.82
N LEU A 39 2.18 18.94 12.94
CA LEU A 39 2.23 17.72 12.11
C LEU A 39 1.23 17.91 10.99
N LYS A 40 1.67 18.52 9.90
CA LYS A 40 0.71 18.80 8.84
C LYS A 40 0.29 17.50 8.13
N THR A 41 -1.02 17.35 7.89
CA THR A 41 -1.57 16.19 7.24
C THR A 41 -2.93 16.43 6.58
N ASP A 42 -3.20 15.73 5.48
CA ASP A 42 -4.53 15.70 4.86
C ASP A 42 -5.40 14.61 5.51
N GLY A 43 -4.85 13.93 6.51
CA GLY A 43 -5.59 12.92 7.26
C GLY A 43 -5.06 11.54 6.98
N PHE A 44 -5.25 10.63 7.91
CA PHE A 44 -4.90 9.23 7.73
C PHE A 44 -6.12 8.57 7.06
N GLY A 45 -5.92 8.00 5.88
CA GLY A 45 -6.98 7.36 5.11
C GLY A 45 -7.04 5.88 5.39
N ILE A 46 -8.24 5.32 5.30
CA ILE A 46 -8.53 3.93 5.72
C ILE A 46 -7.68 2.93 5.00
N ASP A 47 -7.36 3.21 3.74
CA ASP A 47 -6.43 2.40 2.95
C ASP A 47 -5.09 2.31 3.66
N THR A 48 -4.60 3.47 4.03
CA THR A 48 -3.31 3.56 4.68
C THR A 48 -3.32 2.80 6.04
N CYS A 49 -4.41 2.92 6.79
CA CYS A 49 -4.53 2.23 8.04
C CYS A 49 -4.74 0.71 7.88
N ARG A 50 -5.37 0.22 6.79
CA ARG A 50 -5.44 -1.27 6.59
C ARG A 50 -4.03 -1.81 6.32
N SER A 51 -3.24 -1.07 5.57
CA SER A 51 -1.87 -1.45 5.27
C SER A 51 -1.03 -1.48 6.52
N MET A 52 -1.26 -0.50 7.38
CA MET A 52 -0.58 -0.41 8.67
C MET A 52 -0.96 -1.57 9.57
N VAL A 53 -2.23 -1.88 9.63
CA VAL A 53 -2.64 -3.05 10.40
C VAL A 53 -2.02 -4.35 9.86
N ALA A 54 -2.06 -4.53 8.53
CA ALA A 54 -1.64 -5.79 7.90
C ALA A 54 -0.18 -6.07 8.23
N VAL A 55 0.65 -5.03 8.12
CA VAL A 55 2.06 -5.19 8.24
C VAL A 55 2.47 -5.45 9.70
N MET A 56 1.63 -5.02 10.63
CA MET A 56 1.87 -5.20 12.07
C MET A 56 1.16 -6.42 12.66
N ASP A 57 0.27 -7.04 11.89
CA ASP A 57 -0.63 -8.12 12.36
C ASP A 57 0.09 -9.46 12.30
N SER A 58 1.03 -9.68 13.21
CA SER A 58 1.79 -10.92 13.23
C SER A 58 1.02 -12.20 13.52
N ASP A 59 0.00 -12.13 14.36
CA ASP A 59 -0.74 -13.33 14.66
C ASP A 59 -1.88 -13.56 13.66
N THR A 60 -2.03 -12.67 12.68
CA THR A 60 -3.06 -12.74 11.66
C THR A 60 -4.49 -12.91 12.13
N THR A 61 -4.81 -12.18 13.17
CA THR A 61 -6.20 -12.00 13.56
C THR A 61 -6.91 -11.05 12.62
N GLY A 62 -6.15 -10.38 11.76
CA GLY A 62 -6.66 -9.30 10.93
C GLY A 62 -6.64 -7.97 11.70
N LYS A 63 -6.27 -8.02 12.98
CA LYS A 63 -6.31 -6.85 13.86
C LYS A 63 -5.16 -6.88 14.83
N LEU A 64 -4.96 -5.74 15.46
CA LEU A 64 -3.86 -5.53 16.37
C LEU A 64 -4.20 -5.78 17.83
N GLY A 65 -3.65 -6.83 18.43
CA GLY A 65 -3.80 -7.04 19.85
C GLY A 65 -2.93 -6.06 20.60
N PHE A 66 -2.98 -6.15 21.94
CA PHE A 66 -2.25 -5.24 22.81
C PHE A 66 -0.79 -5.06 22.41
N GLU A 67 -0.05 -6.16 22.27
CA GLU A 67 1.41 -6.09 21.98
C GLU A 67 1.68 -5.54 20.60
N GLU A 68 0.90 -5.97 19.63
CA GLU A 68 1.08 -5.52 18.25
C GLU A 68 0.82 -4.01 18.18
N PHE A 69 -0.25 -3.57 18.84
CA PHE A 69 -0.62 -2.15 18.93
C PHE A 69 0.42 -1.32 19.69
N LYS A 70 0.84 -1.80 20.84
CA LYS A 70 1.81 -1.07 21.61
C LYS A 70 3.11 -0.89 20.82
N TYR A 71 3.53 -1.94 20.14
CA TYR A 71 4.71 -1.86 19.29
C TYR A 71 4.57 -0.79 18.19
N LEU A 72 3.43 -0.77 17.50
CA LEU A 72 3.20 0.22 16.44
C LEU A 72 3.16 1.60 17.10
N TRP A 73 2.44 1.68 18.20
CA TRP A 73 2.28 2.94 18.86
C TRP A 73 3.60 3.54 19.27
N ASN A 74 4.49 2.71 19.79
CA ASN A 74 5.75 3.23 20.30
C ASN A 74 6.64 3.71 19.13
N ASN A 75 6.65 2.98 18.01
CA ASN A 75 7.32 3.49 16.80
C ASN A 75 6.75 4.83 16.38
N ILE A 76 5.43 4.94 16.34
CA ILE A 76 4.81 6.18 15.85
C ILE A 76 5.25 7.36 16.72
N LYS A 77 5.14 7.22 18.04
CA LYS A 77 5.65 8.28 18.95
C LYS A 77 7.12 8.63 18.75
N ARG A 78 7.98 7.65 18.51
CA ARG A 78 9.38 7.96 18.26
C ARG A 78 9.54 8.74 16.94
N TRP A 79 8.88 8.25 15.91
CA TRP A 79 9.08 8.80 14.57
C TRP A 79 8.44 10.19 14.47
N GLN A 80 7.35 10.32 15.20
CA GLN A 80 6.66 11.57 15.37
C GLN A 80 7.60 12.64 15.95
N ALA A 81 8.34 12.29 16.99
CA ALA A 81 9.31 13.26 17.56
C ALA A 81 10.48 13.57 16.58
N ILE A 82 10.82 12.63 15.71
CA ILE A 82 11.90 12.77 14.74
C ILE A 82 11.46 13.72 13.63
N TYR A 83 10.16 13.62 13.30
CA TYR A 83 9.50 14.44 12.29
C TYR A 83 9.60 15.92 12.64
N LYS A 84 9.28 16.27 13.88
CA LYS A 84 9.40 17.64 14.32
C LYS A 84 10.84 18.05 14.40
N GLN A 85 11.65 17.20 15.03
CA GLN A 85 13.05 17.52 15.15
C GLN A 85 13.74 17.84 13.80
N PHE A 86 13.39 17.09 12.76
CA PHE A 86 14.05 17.26 11.44
C PHE A 86 13.29 18.17 10.49
N ASP A 87 12.12 18.61 10.91
CA ASP A 87 11.39 19.64 10.19
C ASP A 87 12.03 20.98 10.55
N THR A 88 13.36 21.07 10.49
CA THR A 88 14.08 22.24 11.06
C THR A 88 13.59 23.50 10.41
N ASP A 89 13.13 23.32 9.17
CA ASP A 89 12.38 24.33 8.47
C ASP A 89 11.06 24.80 9.15
N ARG A 90 10.46 23.95 9.97
CA ARG A 90 9.20 24.25 10.66
C ARG A 90 8.05 24.54 9.69
N SER A 91 8.07 23.90 8.53
CA SER A 91 6.94 23.96 7.59
C SER A 91 5.83 22.98 7.94
N GLY A 92 5.99 22.17 8.99
CA GLY A 92 5.04 21.08 9.27
C GLY A 92 5.13 19.87 8.34
N THR A 93 6.05 19.90 7.37
CA THR A 93 6.26 18.77 6.43
C THR A 93 7.76 18.42 6.36
N ILE A 94 8.08 17.25 5.81
CA ILE A 94 9.51 16.88 5.62
C ILE A 94 9.90 16.96 4.14
N CYS A 95 10.79 17.90 3.79
CA CYS A 95 11.22 18.01 2.39
CA CYS A 95 11.29 18.07 2.42
C CYS A 95 12.38 17.06 2.08
N SER A 96 12.61 16.88 0.79
CA SER A 96 13.65 15.99 0.27
C SER A 96 14.98 16.29 0.95
N SER A 97 15.21 17.55 1.30
CA SER A 97 16.43 17.94 1.99
C SER A 97 16.45 17.47 3.44
N GLU A 98 15.32 17.51 4.16
CA GLU A 98 15.37 17.02 5.55
C GLU A 98 15.21 15.50 5.65
N LEU A 99 14.76 14.87 4.57
CA LEU A 99 14.44 13.46 4.66
C LEU A 99 15.60 12.58 5.18
N PRO A 100 16.82 12.74 4.67
CA PRO A 100 17.81 11.72 5.04
C PRO A 100 18.24 11.79 6.49
N GLY A 101 18.16 12.98 7.08
CA GLY A 101 18.50 13.14 8.49
C GLY A 101 17.44 12.42 9.31
N ALA A 102 16.20 12.61 8.87
CA ALA A 102 15.09 11.96 9.55
C ALA A 102 15.24 10.46 9.49
N PHE A 103 15.57 9.93 8.31
CA PHE A 103 15.68 8.48 8.17
C PHE A 103 16.94 7.94 8.85
N GLU A 104 18.05 8.62 8.69
CA GLU A 104 19.23 8.30 9.47
C GLU A 104 18.89 8.25 10.97
N ALA A 105 18.12 9.23 11.49
CA ALA A 105 17.77 9.22 12.91
C ALA A 105 16.72 8.18 13.27
N ALA A 106 16.02 7.64 12.28
CA ALA A 106 15.27 6.41 12.51
C ALA A 106 16.12 5.17 12.23
N GLY A 107 17.40 5.35 11.91
CA GLY A 107 18.30 4.22 11.74
C GLY A 107 18.23 3.55 10.39
N PHE A 108 17.63 4.20 9.40
CA PHE A 108 17.63 3.61 8.08
C PHE A 108 18.63 4.36 7.20
N HIS A 109 19.59 3.62 6.64
CA HIS A 109 20.58 4.21 5.75
C HIS A 109 20.45 3.64 4.39
N LEU A 110 19.96 4.47 3.48
CA LEU A 110 19.57 3.98 2.18
C LEU A 110 20.30 4.72 1.11
N ASN A 111 20.49 4.05 0.02
CA ASN A 111 21.13 4.70 -1.11
C ASN A 111 20.21 5.69 -1.81
N GLU A 112 20.81 6.49 -2.67
CA GLU A 112 20.14 7.60 -3.37
C GLU A 112 18.99 7.11 -4.26
N HIS A 113 19.17 5.98 -4.92
CA HIS A 113 18.13 5.45 -5.78
C HIS A 113 16.84 5.10 -4.98
N LEU A 114 17.02 4.49 -3.82
CA LEU A 114 15.90 4.15 -2.94
C LEU A 114 15.23 5.42 -2.45
N TYR A 115 16.01 6.39 -2.00
CA TYR A 115 15.45 7.69 -1.61
C TYR A 115 14.61 8.28 -2.69
N ASN A 116 15.07 8.25 -3.93
CA ASN A 116 14.29 8.82 -5.00
C ASN A 116 12.94 8.11 -5.21
N MET A 117 12.92 6.78 -5.15
CA MET A 117 11.68 6.03 -5.23
C MET A 117 10.68 6.45 -4.10
N ILE A 118 11.23 6.58 -2.91
CA ILE A 118 10.43 6.84 -1.74
C ILE A 118 9.87 8.25 -1.79
N ILE A 119 10.66 9.19 -2.25
CA ILE A 119 10.19 10.60 -2.46
C ILE A 119 9.10 10.64 -3.52
N ARG A 120 9.31 9.86 -4.57
CA ARG A 120 8.32 9.71 -5.61
C ARG A 120 7.04 9.08 -5.14
N ARG A 121 7.13 8.11 -4.24
CA ARG A 121 5.96 7.41 -3.88
C ARG A 121 5.25 8.12 -2.72
N TYR A 122 5.99 8.84 -1.86
CA TYR A 122 5.38 9.46 -0.67
C TYR A 122 5.29 10.94 -0.60
N SER A 123 6.03 11.67 -1.43
CA SER A 123 6.08 13.12 -1.33
C SER A 123 5.37 13.80 -2.48
N ASP A 124 4.96 15.06 -2.27
CA ASP A 124 4.24 15.81 -3.30
C ASP A 124 5.23 16.33 -4.36
N GLU A 125 4.78 17.16 -5.29
CA GLU A 125 5.65 17.58 -6.40
C GLU A 125 6.69 18.60 -6.00
N SER A 126 6.51 19.21 -4.83
CA SER A 126 7.52 20.08 -4.25
C SER A 126 8.59 19.30 -3.50
N GLY A 127 8.51 17.97 -3.55
CA GLY A 127 9.33 17.11 -2.76
C GLY A 127 9.06 17.16 -1.27
N ASN A 128 7.87 17.62 -0.87
CA ASN A 128 7.42 17.58 0.52
C ASN A 128 6.53 16.39 0.91
N MET A 129 6.78 15.87 2.12
CA MET A 129 6.06 14.73 2.66
C MET A 129 5.41 15.16 3.95
N ASP A 130 4.14 14.82 4.07
CA ASP A 130 3.38 15.24 5.22
C ASP A 130 3.40 14.06 6.19
N PHE A 131 2.74 14.26 7.32
CA PHE A 131 2.88 13.35 8.46
C PHE A 131 2.32 11.96 8.26
N ASP A 132 1.10 11.85 7.72
CA ASP A 132 0.56 10.52 7.48
C ASP A 132 1.38 9.80 6.41
N ASN A 133 1.84 10.48 5.37
CA ASN A 133 2.69 9.79 4.40
C ASN A 133 4.02 9.31 5.01
N PHE A 134 4.54 10.13 5.90
CA PHE A 134 5.78 9.84 6.52
C PHE A 134 5.66 8.57 7.38
N ILE A 135 4.67 8.58 8.26
CA ILE A 135 4.49 7.50 9.23
C ILE A 135 4.20 6.19 8.50
N SER A 136 3.35 6.32 7.50
CA SER A 136 3.01 5.22 6.62
C SER A 136 4.22 4.60 5.89
N CYS A 137 5.11 5.47 5.43
CA CYS A 137 6.36 5.08 4.81
C CYS A 137 7.25 4.30 5.79
N LEU A 138 7.42 4.84 6.98
CA LEU A 138 8.35 4.23 7.92
C LEU A 138 7.85 2.97 8.57
N VAL A 139 6.53 2.84 8.73
CA VAL A 139 5.95 1.64 9.28
C VAL A 139 6.17 0.51 8.26
N ARG A 140 6.02 0.86 7.00
CA ARG A 140 6.29 -0.06 5.95
C ARG A 140 7.78 -0.43 5.84
N LEU A 141 8.63 0.57 5.72
CA LEU A 141 10.08 0.30 5.67
C LEU A 141 10.58 -0.55 6.85
N ASP A 142 10.24 -0.14 8.05
CA ASP A 142 10.64 -0.88 9.20
C ASP A 142 10.17 -2.35 9.09
N ALA A 143 8.93 -2.59 8.68
CA ALA A 143 8.41 -3.94 8.52
C ALA A 143 9.12 -4.72 7.47
N MET A 144 9.39 -4.08 6.34
CA MET A 144 10.08 -4.75 5.27
C MET A 144 11.47 -5.13 5.64
N PHE A 145 12.10 -4.34 6.47
CA PHE A 145 13.42 -4.74 6.95
C PHE A 145 13.31 -5.88 7.95
N ARG A 146 12.29 -5.83 8.81
CA ARG A 146 12.13 -6.93 9.77
C ARG A 146 11.69 -8.16 9.02
N ALA A 147 10.79 -8.07 8.05
CA ALA A 147 10.51 -9.29 7.23
C ALA A 147 11.80 -9.95 6.70
N PHE A 148 12.60 -9.18 5.99
CA PHE A 148 13.81 -9.70 5.31
C PHE A 148 14.80 -10.24 6.31
N LYS A 149 15.03 -9.48 7.37
CA LYS A 149 15.99 -9.96 8.38
C LYS A 149 15.55 -11.26 8.98
N SER A 150 14.27 -11.37 9.20
CA SER A 150 13.76 -12.55 9.79
C SER A 150 14.11 -13.73 8.89
N LEU A 151 13.92 -13.59 7.59
CA LEU A 151 14.32 -14.65 6.66
C LEU A 151 15.80 -14.77 6.29
N ASP A 152 16.65 -13.88 6.78
CA ASP A 152 18.09 -13.90 6.46
C ASP A 152 18.92 -13.69 7.71
N LYS A 153 18.60 -14.52 8.70
CA LYS A 153 19.18 -14.50 10.04
C LYS A 153 20.71 -14.30 10.19
N ASP A 154 21.47 -14.83 9.24
N ASP A 154 21.50 -14.86 9.27
CA ASP A 154 22.93 -14.77 9.29
CA ASP A 154 22.96 -14.72 9.34
C ASP A 154 23.47 -13.81 8.22
C ASP A 154 23.47 -13.80 8.23
N GLY A 155 22.75 -12.72 8.00
CA GLY A 155 23.19 -11.62 7.12
C GLY A 155 23.95 -11.97 5.85
N THR A 156 23.37 -12.87 5.03
CA THR A 156 23.87 -13.13 3.70
C THR A 156 23.44 -12.02 2.75
N GLY A 157 22.40 -11.26 3.12
CA GLY A 157 21.88 -10.21 2.25
C GLY A 157 20.94 -10.69 1.16
N GLN A 158 20.64 -11.99 1.18
CA GLN A 158 19.78 -12.64 0.20
C GLN A 158 18.79 -13.58 0.86
N ILE A 159 17.56 -13.62 0.33
CA ILE A 159 16.56 -14.61 0.71
C ILE A 159 16.13 -15.43 -0.52
N GLN A 160 15.67 -16.64 -0.30
CA GLN A 160 15.18 -17.47 -1.36
C GLN A 160 13.73 -17.78 -1.06
N VAL A 161 12.85 -17.57 -2.04
CA VAL A 161 11.40 -17.76 -1.79
C VAL A 161 10.78 -18.46 -3.00
N ASN A 162 9.70 -19.19 -2.73
CA ASN A 162 8.86 -19.66 -3.75
C ASN A 162 7.71 -18.68 -3.85
N ILE A 163 6.80 -18.93 -4.79
CA ILE A 163 5.73 -17.96 -5.11
C ILE A 163 4.75 -17.78 -3.94
N GLN A 164 4.34 -18.86 -3.31
CA GLN A 164 3.46 -18.79 -2.15
C GLN A 164 4.02 -17.83 -1.10
N GLU A 165 5.27 -18.04 -0.73
CA GLU A 165 5.94 -17.15 0.23
C GLU A 165 6.06 -15.68 -0.19
N TRP A 166 6.45 -15.50 -1.45
CA TRP A 166 6.57 -14.19 -2.07
C TRP A 166 5.24 -13.48 -2.07
N LEU A 167 4.18 -14.19 -2.45
CA LEU A 167 2.88 -13.57 -2.36
C LEU A 167 2.49 -13.23 -0.90
N GLN A 168 2.76 -14.13 0.03
CA GLN A 168 2.55 -13.81 1.47
C GLN A 168 3.33 -12.57 1.90
N LEU A 169 4.57 -12.47 1.44
CA LEU A 169 5.39 -11.35 1.82
C LEU A 169 4.99 -10.02 1.20
N THR A 170 4.40 -10.03 0.03
CA THR A 170 4.31 -8.81 -0.74
C THR A 170 2.87 -8.31 -0.87
N MET A 171 1.93 -9.19 -0.60
CA MET A 171 0.50 -8.90 -0.66
C MET A 171 -0.09 -8.72 0.75
N TYR A 172 0.39 -9.50 1.74
CA TYR A 172 0.11 -9.23 3.14
C TYR A 172 1.14 -8.22 3.75
N SER A 173 0.66 -6.98 3.73
CA SER A 173 1.44 -5.77 3.52
C SER A 173 0.53 -4.81 2.69
N GLU B 1 -10.91 2.75 -35.36
CA GLU B 1 -9.91 3.67 -34.75
C GLU B 1 -9.91 3.55 -33.22
N GLU B 2 -9.75 2.33 -32.71
CA GLU B 2 -9.76 2.06 -31.26
C GLU B 2 -8.49 2.50 -30.55
N VAL B 3 -7.35 2.09 -31.12
CA VAL B 3 -6.03 2.50 -30.63
C VAL B 3 -5.78 4.00 -30.90
N ARG B 4 -6.40 4.53 -31.95
CA ARG B 4 -6.51 5.96 -32.11
C ARG B 4 -7.26 6.57 -30.91
N GLN B 5 -8.53 6.23 -30.73
CA GLN B 5 -9.32 6.76 -29.60
C GLN B 5 -8.65 6.54 -28.24
N PHE B 6 -7.90 5.46 -28.09
CA PHE B 6 -7.13 5.25 -26.86
C PHE B 6 -5.95 6.22 -26.74
N ARG B 7 -5.30 6.47 -27.87
CA ARG B 7 -4.25 7.44 -27.94
C ARG B 7 -4.82 8.82 -27.58
N ARG B 8 -5.98 9.16 -28.11
CA ARG B 8 -6.68 10.36 -27.66
C ARG B 8 -6.98 10.29 -26.14
N LEU B 9 -7.46 9.17 -25.63
CA LEU B 9 -7.74 9.08 -24.21
C LEU B 9 -6.47 9.41 -23.44
N PHE B 10 -5.37 8.76 -23.75
CA PHE B 10 -4.17 8.97 -23.00
C PHE B 10 -3.71 10.41 -23.02
N ALA B 11 -3.79 11.07 -24.18
CA ALA B 11 -3.18 12.35 -24.39
C ALA B 11 -3.90 13.40 -23.60
N GLN B 12 -5.20 13.37 -23.72
CA GLN B 12 -6.04 14.27 -22.96
C GLN B 12 -5.95 13.97 -21.42
N LEU B 13 -5.77 12.73 -21.03
CA LEU B 13 -5.68 12.41 -19.59
C LEU B 13 -4.31 12.81 -19.00
N ALA B 14 -3.25 12.58 -19.77
CA ALA B 14 -1.89 12.84 -19.33
C ALA B 14 -1.64 14.35 -19.24
N GLY B 15 -2.29 15.09 -20.13
CA GLY B 15 -2.12 16.53 -20.19
C GLY B 15 -0.69 17.00 -20.49
N ASP B 16 -0.29 18.11 -19.87
CA ASP B 16 0.92 18.86 -20.23
C ASP B 16 2.29 18.18 -20.11
N ASP B 17 2.43 17.23 -19.20
CA ASP B 17 3.69 16.52 -19.09
C ASP B 17 3.64 15.18 -19.80
N MET B 18 2.51 14.89 -20.45
CA MET B 18 2.34 13.64 -21.20
C MET B 18 2.55 12.35 -20.39
N GLU B 19 2.41 12.42 -19.08
CA GLU B 19 2.43 11.20 -18.29
C GLU B 19 1.25 11.31 -17.36
N VAL B 20 0.78 10.15 -16.90
CA VAL B 20 -0.38 10.13 -16.01
C VAL B 20 0.05 10.04 -14.54
N SER B 21 -0.29 11.08 -13.78
CA SER B 21 0.05 11.07 -12.39
C SER B 21 -0.95 10.28 -11.53
N ALA B 22 -0.52 10.01 -10.32
CA ALA B 22 -1.38 9.40 -9.32
C ALA B 22 -2.68 10.17 -9.26
N THR B 23 -2.66 11.50 -9.17
CA THR B 23 -3.90 12.26 -9.13
C THR B 23 -4.75 12.19 -10.40
N GLU B 24 -4.13 12.31 -11.55
CA GLU B 24 -4.90 12.24 -12.80
C GLU B 24 -5.57 10.87 -12.89
N LEU B 25 -4.87 9.81 -12.48
CA LEU B 25 -5.46 8.45 -12.50
C LEU B 25 -6.62 8.32 -11.54
N MET B 26 -6.42 8.88 -10.37
CA MET B 26 -7.50 8.92 -9.36
C MET B 26 -8.75 9.56 -9.90
N ASN B 27 -8.59 10.77 -10.42
CA ASN B 27 -9.72 11.47 -11.04
C ASN B 27 -10.41 10.73 -12.22
N ILE B 28 -9.66 10.14 -13.14
CA ILE B 28 -10.33 9.42 -14.23
C ILE B 28 -11.08 8.20 -13.70
N LEU B 29 -10.46 7.48 -12.79
CA LEU B 29 -11.13 6.35 -12.23
C LEU B 29 -12.44 6.64 -11.51
N ASN B 30 -12.40 7.59 -10.58
CA ASN B 30 -13.63 8.12 -9.94
C ASN B 30 -14.67 8.63 -10.92
N LYS B 31 -14.22 9.31 -11.94
CA LYS B 31 -15.13 9.75 -12.96
C LYS B 31 -15.80 8.54 -13.63
N VAL B 32 -15.04 7.50 -14.00
CA VAL B 32 -15.62 6.35 -14.67
C VAL B 32 -16.52 5.50 -13.78
N VAL B 33 -16.13 5.24 -12.56
CA VAL B 33 -17.00 4.47 -11.71
C VAL B 33 -18.34 5.10 -11.43
N THR B 34 -18.37 6.43 -11.41
CA THR B 34 -19.57 7.20 -11.26
C THR B 34 -20.67 6.74 -12.23
N ARG B 35 -20.30 6.37 -13.43
CA ARG B 35 -21.25 5.92 -14.44
C ARG B 35 -21.59 4.43 -14.38
N HIS B 36 -21.02 3.71 -13.41
CA HIS B 36 -21.29 2.28 -13.27
C HIS B 36 -21.94 2.01 -11.92
N PRO B 37 -23.28 2.17 -11.83
CA PRO B 37 -23.94 2.01 -10.53
C PRO B 37 -23.92 0.61 -10.01
N ASP B 38 -23.57 -0.36 -10.85
CA ASP B 38 -23.40 -1.71 -10.38
C ASP B 38 -22.11 -1.94 -9.64
N LEU B 39 -21.22 -0.93 -9.59
CA LEU B 39 -19.94 -1.09 -8.89
C LEU B 39 -19.92 -0.19 -7.64
N LYS B 40 -20.00 -0.79 -6.47
CA LYS B 40 -19.92 -0.06 -5.24
C LYS B 40 -18.45 0.26 -4.87
N THR B 41 -18.21 1.47 -4.41
CA THR B 41 -16.89 1.90 -3.97
C THR B 41 -17.07 3.05 -3.00
N ASP B 42 -16.18 3.22 -2.07
CA ASP B 42 -16.10 4.49 -1.32
C ASP B 42 -15.23 5.47 -2.14
N GLY B 43 -14.80 5.07 -3.35
CA GLY B 43 -13.88 5.86 -4.19
C GLY B 43 -12.43 5.37 -4.19
N PHE B 44 -11.71 5.73 -5.24
CA PHE B 44 -10.26 5.56 -5.30
C PHE B 44 -9.62 6.69 -4.55
N GLY B 45 -8.88 6.31 -3.49
CA GLY B 45 -8.16 7.23 -2.64
C GLY B 45 -6.84 7.58 -3.34
N ILE B 46 -6.25 8.70 -2.97
CA ILE B 46 -4.95 9.11 -3.50
C ILE B 46 -3.83 8.10 -3.19
N ASP B 47 -3.77 7.61 -1.97
CA ASP B 47 -2.76 6.67 -1.48
C ASP B 47 -2.79 5.39 -2.40
N THR B 48 -4.00 4.85 -2.56
CA THR B 48 -4.19 3.74 -3.42
C THR B 48 -3.72 3.99 -4.87
N CYS B 49 -3.96 5.18 -5.41
CA CYS B 49 -3.55 5.48 -6.76
C CYS B 49 -2.01 5.71 -6.85
N ARG B 50 -1.37 6.22 -5.77
CA ARG B 50 0.08 6.38 -5.75
C ARG B 50 0.74 5.01 -5.77
N SER B 51 0.05 4.03 -5.19
CA SER B 51 0.59 2.75 -5.03
C SER B 51 0.42 2.02 -6.35
N MET B 52 -0.69 2.28 -7.04
CA MET B 52 -0.94 1.65 -8.33
C MET B 52 0.03 2.23 -9.36
N VAL B 53 0.28 3.50 -9.27
CA VAL B 53 1.24 4.11 -10.19
C VAL B 53 2.67 3.62 -9.94
N ALA B 54 3.10 3.50 -8.70
CA ALA B 54 4.48 3.12 -8.45
C ALA B 54 4.69 1.72 -8.98
N VAL B 55 3.71 0.86 -8.75
CA VAL B 55 3.80 -0.55 -9.06
C VAL B 55 3.78 -0.75 -10.59
N MET B 56 3.12 0.11 -11.36
CA MET B 56 3.24 0.14 -12.86
C MET B 56 4.37 1.00 -13.48
N ASP B 57 5.09 1.72 -12.64
CA ASP B 57 6.05 2.69 -13.14
C ASP B 57 7.41 2.01 -13.38
N SER B 58 7.44 1.11 -14.34
CA SER B 58 8.64 0.35 -14.75
C SER B 58 9.92 1.18 -14.98
N ASP B 59 9.79 2.35 -15.60
CA ASP B 59 10.98 3.23 -15.81
C ASP B 59 11.22 4.23 -14.65
N THR B 60 10.45 4.12 -13.57
CA THR B 60 10.61 5.01 -12.40
C THR B 60 10.61 6.53 -12.71
N THR B 61 9.84 6.99 -13.68
CA THR B 61 9.67 8.44 -13.84
C THR B 61 8.71 9.07 -12.86
N GLY B 62 8.23 8.32 -11.89
CA GLY B 62 7.14 8.77 -11.03
C GLY B 62 5.72 8.71 -11.60
N LYS B 63 5.54 8.59 -12.91
CA LYS B 63 4.25 8.72 -13.56
C LYS B 63 4.15 7.71 -14.69
N LEU B 64 2.97 7.59 -15.28
CA LEU B 64 2.71 6.50 -16.20
C LEU B 64 2.71 7.01 -17.63
N GLY B 65 3.67 6.51 -18.38
CA GLY B 65 3.81 6.80 -19.78
C GLY B 65 2.81 5.95 -20.54
N PHE B 66 2.81 6.09 -21.86
CA PHE B 66 1.79 5.48 -22.69
C PHE B 66 1.67 3.97 -22.49
N GLU B 67 2.76 3.24 -22.56
CA GLU B 67 2.69 1.78 -22.51
C GLU B 67 2.30 1.30 -21.11
N GLU B 68 2.81 1.98 -20.09
CA GLU B 68 2.62 1.53 -18.71
C GLU B 68 1.15 1.74 -18.42
N PHE B 69 0.62 2.84 -18.92
CA PHE B 69 -0.77 3.17 -18.67
C PHE B 69 -1.68 2.25 -19.47
N LYS B 70 -1.32 2.00 -20.69
CA LYS B 70 -2.14 1.15 -21.53
C LYS B 70 -2.22 -0.24 -20.88
N TYR B 71 -1.11 -0.73 -20.36
CA TYR B 71 -1.14 -2.02 -19.69
C TYR B 71 -2.10 -2.03 -18.48
N LEU B 72 -2.06 -0.96 -17.67
CA LEU B 72 -2.86 -0.85 -16.50
C LEU B 72 -4.29 -0.76 -16.91
N TRP B 73 -4.55 0.02 -17.95
CA TRP B 73 -5.94 0.35 -18.28
C TRP B 73 -6.62 -0.85 -18.95
N ASN B 74 -5.91 -1.54 -19.83
CA ASN B 74 -6.45 -2.83 -20.40
C ASN B 74 -6.75 -3.86 -19.32
N ASN B 75 -5.97 -3.89 -18.26
CA ASN B 75 -6.23 -4.85 -17.18
C ASN B 75 -7.49 -4.39 -16.39
N ILE B 76 -7.58 -3.11 -16.10
CA ILE B 76 -8.72 -2.63 -15.33
C ILE B 76 -10.02 -2.91 -16.07
N LYS B 77 -10.01 -2.72 -17.40
CA LYS B 77 -11.16 -3.05 -18.25
C LYS B 77 -11.56 -4.51 -18.23
N ARG B 78 -10.60 -5.42 -18.22
CA ARG B 78 -10.98 -6.86 -18.14
C ARG B 78 -11.40 -7.13 -16.71
N TRP B 79 -10.68 -6.57 -15.76
CA TRP B 79 -11.03 -6.89 -14.39
C TRP B 79 -12.40 -6.40 -13.91
N GLN B 80 -12.82 -5.31 -14.50
CA GLN B 80 -14.08 -4.69 -14.18
C GLN B 80 -15.18 -5.59 -14.69
N ALA B 81 -14.96 -6.13 -15.86
CA ALA B 81 -15.92 -7.01 -16.44
C ALA B 81 -16.08 -8.23 -15.56
N ILE B 82 -14.97 -8.76 -15.08
CA ILE B 82 -14.98 -9.92 -14.24
C ILE B 82 -15.69 -9.65 -12.88
N TYR B 83 -15.41 -8.49 -12.29
CA TYR B 83 -16.09 -8.14 -11.05
C TYR B 83 -17.58 -8.16 -11.24
N LYS B 84 -18.06 -7.64 -12.37
CA LYS B 84 -19.50 -7.61 -12.61
C LYS B 84 -20.03 -9.02 -12.77
N GLN B 85 -19.28 -9.83 -13.51
CA GLN B 85 -19.67 -11.17 -13.82
C GLN B 85 -19.81 -11.97 -12.50
N PHE B 86 -18.91 -11.74 -11.56
CA PHE B 86 -18.85 -12.57 -10.36
C PHE B 86 -19.56 -12.04 -9.13
N ASP B 87 -20.11 -10.82 -9.22
CA ASP B 87 -21.01 -10.28 -8.23
C ASP B 87 -22.40 -10.88 -8.49
N THR B 88 -22.56 -12.17 -8.24
CA THR B 88 -23.80 -12.81 -8.69
C THR B 88 -25.04 -12.56 -7.81
N ASP B 89 -24.90 -11.72 -6.78
CA ASP B 89 -26.05 -11.25 -6.03
C ASP B 89 -26.30 -9.78 -6.17
N ARG B 90 -25.44 -9.09 -6.93
CA ARG B 90 -25.63 -7.68 -7.20
C ARG B 90 -25.61 -6.78 -5.95
N SER B 91 -24.78 -7.17 -4.98
CA SER B 91 -24.41 -6.29 -3.85
C SER B 91 -23.52 -5.14 -4.30
N GLY B 92 -23.02 -5.24 -5.52
CA GLY B 92 -22.03 -4.29 -6.02
C GLY B 92 -20.63 -4.50 -5.45
N THR B 93 -20.44 -5.62 -4.74
CA THR B 93 -19.21 -5.98 -4.05
C THR B 93 -18.96 -7.50 -4.18
N ILE B 94 -17.70 -7.87 -4.02
CA ILE B 94 -17.26 -9.26 -4.13
C ILE B 94 -17.06 -9.83 -2.70
N CYS B 95 -17.84 -10.82 -2.30
CA CYS B 95 -17.71 -11.38 -0.94
C CYS B 95 -16.75 -12.54 -1.03
N SER B 96 -16.40 -13.12 0.12
CA SER B 96 -15.42 -14.23 0.14
C SER B 96 -15.74 -15.40 -0.77
N SER B 97 -17.00 -15.75 -0.87
CA SER B 97 -17.43 -16.87 -1.71
C SER B 97 -17.29 -16.59 -3.18
N GLU B 98 -17.54 -15.34 -3.59
CA GLU B 98 -17.44 -14.92 -5.00
C GLU B 98 -15.97 -14.73 -5.44
N LEU B 99 -15.09 -14.53 -4.48
CA LEU B 99 -13.74 -14.07 -4.81
C LEU B 99 -12.85 -15.08 -5.58
N PRO B 100 -12.71 -16.29 -5.06
CA PRO B 100 -12.01 -17.32 -5.87
C PRO B 100 -12.34 -17.35 -7.38
N GLY B 101 -13.62 -17.46 -7.71
CA GLY B 101 -14.07 -17.54 -9.11
C GLY B 101 -13.61 -16.33 -9.88
N ALA B 102 -13.71 -15.17 -9.21
CA ALA B 102 -13.34 -13.93 -9.88
C ALA B 102 -11.84 -13.91 -10.15
N PHE B 103 -11.04 -14.15 -9.13
CA PHE B 103 -9.57 -14.18 -9.28
C PHE B 103 -9.12 -15.28 -10.25
N GLU B 104 -9.71 -16.47 -10.14
CA GLU B 104 -9.42 -17.51 -11.15
C GLU B 104 -9.70 -16.97 -12.55
N ALA B 105 -10.90 -16.44 -12.76
CA ALA B 105 -11.22 -15.87 -14.05
C ALA B 105 -10.21 -14.83 -14.52
N ALA B 106 -9.53 -14.10 -13.63
CA ALA B 106 -8.42 -13.24 -14.05
C ALA B 106 -7.12 -14.00 -14.12
N GLY B 107 -7.13 -15.28 -13.84
CA GLY B 107 -5.99 -16.12 -14.17
C GLY B 107 -5.02 -16.17 -13.00
N PHE B 108 -5.51 -15.94 -11.78
CA PHE B 108 -4.70 -16.17 -10.57
C PHE B 108 -5.33 -17.31 -9.78
N HIS B 109 -4.65 -18.46 -9.75
CA HIS B 109 -5.14 -19.65 -9.04
C HIS B 109 -4.32 -19.73 -7.77
N LEU B 110 -4.91 -19.28 -6.69
CA LEU B 110 -4.24 -19.15 -5.43
C LEU B 110 -4.81 -20.26 -4.58
N ASN B 111 -4.18 -20.57 -3.48
CA ASN B 111 -4.83 -21.52 -2.57
C ASN B 111 -5.60 -20.81 -1.45
N GLU B 112 -6.34 -21.62 -0.71
CA GLU B 112 -7.14 -21.16 0.42
C GLU B 112 -6.41 -20.20 1.35
N HIS B 113 -5.24 -20.59 1.85
CA HIS B 113 -4.45 -19.73 2.75
C HIS B 113 -4.31 -18.29 2.19
N LEU B 114 -3.93 -18.20 0.92
CA LEU B 114 -3.74 -16.93 0.24
C LEU B 114 -5.07 -16.20 0.05
N TYR B 115 -6.12 -16.92 -0.37
CA TYR B 115 -7.40 -16.26 -0.49
C TYR B 115 -7.77 -15.60 0.84
N ASN B 116 -7.56 -16.30 1.96
CA ASN B 116 -7.84 -15.74 3.26
C ASN B 116 -7.04 -14.52 3.58
N MET B 117 -5.76 -14.58 3.25
CA MET B 117 -4.85 -13.49 3.52
C MET B 117 -5.28 -12.19 2.82
N ILE B 118 -5.57 -12.34 1.55
CA ILE B 118 -6.16 -11.31 0.73
C ILE B 118 -7.47 -10.75 1.27
N ILE B 119 -8.36 -11.62 1.73
CA ILE B 119 -9.61 -11.16 2.35
C ILE B 119 -9.33 -10.33 3.60
N ARG B 120 -8.38 -10.80 4.38
CA ARG B 120 -8.00 -10.10 5.60
C ARG B 120 -7.47 -8.71 5.32
N ARG B 121 -6.69 -8.58 4.25
CA ARG B 121 -6.01 -7.33 3.94
C ARG B 121 -6.92 -6.38 3.22
N TYR B 122 -7.77 -6.91 2.33
CA TYR B 122 -8.46 -6.06 1.37
C TYR B 122 -9.98 -5.98 1.48
N SER B 123 -10.57 -6.84 2.31
CA SER B 123 -12.00 -6.92 2.44
C SER B 123 -12.34 -6.33 3.77
N ASP B 124 -13.60 -5.98 3.92
CA ASP B 124 -14.11 -5.33 5.15
C ASP B 124 -14.42 -6.37 6.22
N GLU B 125 -14.81 -5.89 7.40
CA GLU B 125 -15.23 -6.77 8.50
C GLU B 125 -16.30 -7.80 8.11
N SER B 126 -17.07 -7.51 7.07
CA SER B 126 -18.04 -8.47 6.57
C SER B 126 -17.48 -9.52 5.55
N GLY B 127 -16.22 -9.40 5.15
CA GLY B 127 -15.66 -10.30 4.15
C GLY B 127 -16.02 -9.84 2.75
N ASN B 128 -16.40 -8.56 2.64
CA ASN B 128 -16.81 -7.95 1.38
C ASN B 128 -15.77 -7.00 0.83
N MET B 129 -15.59 -7.05 -0.47
CA MET B 129 -14.57 -6.24 -1.13
C MET B 129 -15.24 -5.38 -2.18
N ASP B 130 -15.05 -4.09 -2.04
CA ASP B 130 -15.61 -3.13 -2.97
C ASP B 130 -14.65 -2.95 -4.14
N PHE B 131 -15.05 -2.13 -5.11
CA PHE B 131 -14.43 -2.16 -6.42
C PHE B 131 -13.01 -1.58 -6.46
N ASP B 132 -12.79 -0.47 -5.78
CA ASP B 132 -11.43 0.10 -5.73
C ASP B 132 -10.48 -0.84 -5.04
N ASN B 133 -10.93 -1.57 -4.03
CA ASN B 133 -10.06 -2.50 -3.30
C ASN B 133 -9.75 -3.72 -4.13
N PHE B 134 -10.72 -4.19 -4.89
CA PHE B 134 -10.51 -5.28 -5.87
C PHE B 134 -9.47 -4.88 -6.96
N ILE B 135 -9.60 -3.70 -7.50
CA ILE B 135 -8.68 -3.30 -8.58
C ILE B 135 -7.26 -3.13 -8.04
N SER B 136 -7.20 -2.47 -6.91
CA SER B 136 -5.97 -2.23 -6.25
C SER B 136 -5.28 -3.60 -5.90
N CYS B 137 -6.04 -4.57 -5.40
CA CYS B 137 -5.48 -5.85 -4.99
C CYS B 137 -4.92 -6.56 -6.25
N LEU B 138 -5.74 -6.58 -7.28
CA LEU B 138 -5.37 -7.23 -8.54
C LEU B 138 -4.16 -6.62 -9.23
N VAL B 139 -4.07 -5.31 -9.26
CA VAL B 139 -2.92 -4.67 -9.87
C VAL B 139 -1.61 -5.05 -9.20
N ARG B 140 -1.68 -5.16 -7.89
CA ARG B 140 -0.53 -5.51 -7.11
C ARG B 140 -0.19 -7.02 -7.29
N LEU B 141 -1.19 -7.85 -7.13
CA LEU B 141 -1.06 -9.32 -7.34
C LEU B 141 -0.41 -9.70 -8.69
N ASP B 142 -0.94 -9.14 -9.76
CA ASP B 142 -0.34 -9.20 -11.09
C ASP B 142 1.08 -8.65 -11.14
N ALA B 143 1.35 -7.52 -10.47
CA ALA B 143 2.72 -7.06 -10.51
C ALA B 143 3.68 -7.99 -9.77
N MET B 144 3.23 -8.53 -8.65
CA MET B 144 4.04 -9.41 -7.85
C MET B 144 4.21 -10.77 -8.59
N PHE B 145 3.19 -11.34 -9.21
CA PHE B 145 3.46 -12.46 -10.14
C PHE B 145 4.53 -12.16 -11.19
N ARG B 146 4.38 -11.03 -11.88
CA ARG B 146 5.29 -10.65 -12.93
C ARG B 146 6.67 -10.43 -12.41
N ALA B 147 6.80 -9.83 -11.24
CA ALA B 147 8.12 -9.62 -10.69
C ALA B 147 8.80 -10.96 -10.31
N PHE B 148 8.06 -11.92 -9.78
CA PHE B 148 8.62 -13.27 -9.47
C PHE B 148 9.10 -13.92 -10.77
N LYS B 149 8.19 -13.98 -11.71
CA LYS B 149 8.50 -14.52 -13.01
C LYS B 149 9.80 -13.96 -13.58
N SER B 150 9.99 -12.64 -13.56
CA SER B 150 11.27 -12.04 -13.99
C SER B 150 12.48 -12.51 -13.25
N LEU B 151 12.36 -12.80 -11.97
CA LEU B 151 13.51 -13.20 -11.17
C LEU B 151 13.79 -14.70 -11.23
N ASP B 152 12.83 -15.49 -11.67
CA ASP B 152 13.04 -16.93 -11.77
C ASP B 152 13.60 -17.26 -13.14
N LYS B 153 14.89 -17.04 -13.27
CA LYS B 153 15.48 -17.06 -14.58
C LYS B 153 15.42 -18.52 -15.04
N ASP B 154 15.87 -19.41 -14.17
CA ASP B 154 16.04 -20.84 -14.46
C ASP B 154 14.76 -21.67 -14.42
N GLY B 155 13.63 -21.09 -14.03
CA GLY B 155 12.36 -21.82 -13.99
C GLY B 155 12.41 -22.89 -12.91
N THR B 156 13.01 -22.55 -11.76
CA THR B 156 13.01 -23.47 -10.63
C THR B 156 11.81 -23.33 -9.68
N GLY B 157 11.01 -22.26 -9.85
CA GLY B 157 10.00 -21.95 -8.83
C GLY B 157 10.52 -21.25 -7.55
N GLN B 158 11.78 -20.84 -7.58
CA GLN B 158 12.43 -20.12 -6.47
C GLN B 158 13.20 -19.01 -7.06
N ILE B 159 13.14 -17.87 -6.39
CA ILE B 159 13.94 -16.71 -6.75
C ILE B 159 14.92 -16.32 -5.60
N GLN B 160 16.10 -15.83 -5.94
CA GLN B 160 16.89 -15.24 -4.88
C GLN B 160 16.73 -13.74 -5.00
N VAL B 161 16.43 -13.09 -3.88
CA VAL B 161 16.26 -11.63 -3.90
C VAL B 161 17.12 -10.98 -2.80
N ASN B 162 18.00 -10.10 -3.25
CA ASN B 162 18.84 -9.34 -2.38
C ASN B 162 18.08 -8.21 -1.72
N ILE B 163 18.64 -7.70 -0.64
CA ILE B 163 17.95 -6.69 0.15
C ILE B 163 17.66 -5.40 -0.61
N GLN B 164 18.55 -5.02 -1.53
CA GLN B 164 18.33 -3.81 -2.33
C GLN B 164 17.11 -3.96 -3.23
N GLU B 165 17.05 -5.10 -3.92
CA GLU B 165 15.90 -5.45 -4.76
C GLU B 165 14.64 -5.62 -3.97
N TRP B 166 14.72 -6.25 -2.82
CA TRP B 166 13.57 -6.35 -1.93
C TRP B 166 13.02 -4.97 -1.53
N LEU B 167 13.89 -4.10 -1.06
CA LEU B 167 13.41 -2.80 -0.62
C LEU B 167 12.80 -2.05 -1.79
N GLN B 168 13.47 -2.08 -2.92
CA GLN B 168 12.93 -1.48 -4.16
C GLN B 168 11.57 -2.04 -4.52
N LEU B 169 11.38 -3.34 -4.48
CA LEU B 169 10.10 -3.94 -4.88
C LEU B 169 8.98 -3.77 -3.88
N THR B 170 9.33 -3.74 -2.59
CA THR B 170 8.35 -3.48 -1.57
C THR B 170 8.06 -1.98 -1.29
N MET B 171 9.05 -1.12 -1.26
CA MET B 171 8.79 0.31 -0.99
C MET B 171 8.31 1.04 -2.21
N TYR B 172 8.75 0.70 -3.42
CA TYR B 172 8.17 1.41 -4.56
C TYR B 172 6.97 0.65 -5.13
N SER B 173 5.89 0.70 -4.38
CA SER B 173 4.73 -0.08 -4.66
C SER B 173 3.57 0.36 -3.80
#